data_2JDY
#
_entry.id   2JDY
#
_cell.length_a   50.383
_cell.length_b   80.085
_cell.length_c   52.493
_cell.angle_alpha   90.00
_cell.angle_beta   109.55
_cell.angle_gamma   90.00
#
_symmetry.space_group_name_H-M   'P 1 21 1'
#
loop_
_entity.id
_entity.type
_entity.pdbx_description
1 polymer 'FUCOSE-BINDING LECTIN PA-IIL'
2 non-polymer 'methyl alpha-D-mannopyranoside'
3 non-polymer 'CALCIUM ION'
4 water water
#
_entity_poly.entity_id   1
_entity_poly.type   'polypeptide(L)'
_entity_poly.pdbx_seq_one_letter_code
;MATQGVFTLPANTRFGVTAFANSSNTQTVNVLVNNETAATFSGQSTNNAVIGTQVLNSGSSGKVQVQVSVNGRPSDLVSA
QVILTNELNFALVGSEDGTDNDYNDAVVVINWPLG
;
_entity_poly.pdbx_strand_id   A,B,C,D
#
# COMPACT_ATOMS: atom_id res chain seq x y z
N ALA A 2 14.70 -2.77 -9.60
CA ALA A 2 14.49 -1.35 -9.17
C ALA A 2 15.11 -1.15 -7.80
N THR A 3 15.53 0.07 -7.53
CA THR A 3 16.05 0.43 -6.19
C THR A 3 14.99 0.21 -5.12
N GLN A 4 15.38 -0.37 -3.99
CA GLN A 4 14.43 -0.59 -2.89
C GLN A 4 15.06 -0.08 -1.60
N GLY A 5 14.20 0.25 -0.64
CA GLY A 5 14.64 0.72 0.69
C GLY A 5 15.08 2.16 0.73
N VAL A 6 14.79 2.92 -0.34
CA VAL A 6 15.10 4.35 -0.39
C VAL A 6 13.79 5.14 -0.38
N PHE A 7 13.72 6.12 0.51
CA PHE A 7 12.48 6.91 0.67
C PHE A 7 12.80 8.38 0.75
N THR A 8 11.97 9.22 0.11
CA THR A 8 12.05 10.68 0.26
C THR A 8 11.04 11.16 1.31
N LEU A 9 11.56 11.69 2.40
CA LEU A 9 10.73 12.26 3.46
C LEU A 9 10.74 13.78 3.35
N PRO A 10 9.75 14.44 3.98
CA PRO A 10 9.85 15.89 4.09
C PRO A 10 11.13 16.27 4.84
N ALA A 11 11.74 17.41 4.46
CA ALA A 11 13.00 17.83 5.07
C ALA A 11 12.84 18.14 6.56
N ASN A 12 13.92 17.91 7.33
CA ASN A 12 14.00 18.30 8.74
C ASN A 12 12.85 17.75 9.58
N THR A 13 12.43 16.53 9.28
CA THR A 13 11.26 15.90 9.91
C THR A 13 11.71 14.70 10.75
N ARG A 14 11.23 14.65 11.98
CA ARG A 14 11.51 13.50 12.83
C ARG A 14 10.69 12.31 12.37
N PHE A 15 11.35 11.16 12.26
CA PHE A 15 10.63 9.92 11.94
C PHE A 15 11.11 8.78 12.85
N GLY A 16 10.26 7.76 12.98
CA GLY A 16 10.59 6.55 13.76
C GLY A 16 11.10 5.47 12.83
N VAL A 17 12.09 4.72 13.28
CA VAL A 17 12.55 3.54 12.56
C VAL A 17 12.73 2.39 13.56
N THR A 18 12.13 1.25 13.22
CA THR A 18 12.13 0.07 14.08
C THR A 18 12.42 -1.17 13.25
N ALA A 19 13.25 -2.06 13.77
CA ALA A 19 13.62 -3.28 13.03
C ALA A 19 13.33 -4.56 13.81
N PHE A 20 12.93 -5.59 13.09
CA PHE A 20 12.58 -6.89 13.67
C PHE A 20 13.43 -7.96 12.96
N ALA A 21 13.73 -9.06 13.63
CA ALA A 21 14.50 -10.14 13.01
C ALA A 21 13.72 -11.45 12.98
N ASN A 22 13.84 -12.17 11.87
CA ASN A 22 13.20 -13.50 11.71
C ASN A 22 14.15 -14.37 10.89
N SER A 23 15.25 -14.77 11.51
CA SER A 23 16.31 -15.48 10.80
C SER A 23 17.25 -16.19 11.74
N SER A 24 17.85 -17.28 11.27
CA SER A 24 18.95 -17.92 12.03
C SER A 24 20.22 -17.02 11.99
N ASN A 25 20.36 -16.21 10.93
CA ASN A 25 21.49 -15.29 10.81
C ASN A 25 21.31 -14.02 11.62
N THR A 26 22.43 -13.52 12.16
CA THR A 26 22.40 -12.23 12.84
C THR A 26 22.25 -11.15 11.77
N GLN A 27 21.28 -10.26 11.96
CA GLN A 27 20.98 -9.20 11.00
C GLN A 27 21.68 -7.89 11.38
N THR A 28 22.15 -7.15 10.37
CA THR A 28 22.64 -5.79 10.58
C THR A 28 21.79 -4.84 9.73
N VAL A 29 21.13 -3.90 10.40
CA VAL A 29 20.31 -2.91 9.72
C VAL A 29 20.99 -1.55 9.87
N ASN A 30 21.32 -0.92 8.76
CA ASN A 30 21.86 0.44 8.77
C ASN A 30 20.85 1.39 8.18
N VAL A 31 20.60 2.47 8.89
CA VAL A 31 19.67 3.50 8.42
C VAL A 31 20.50 4.73 8.05
N LEU A 32 20.48 5.07 6.76
CA LEU A 32 21.29 6.16 6.24
C LEU A 32 20.42 7.40 6.06
N VAL A 33 20.93 8.55 6.51
CA VAL A 33 20.27 9.84 6.26
C VAL A 33 21.31 10.69 5.51
N ASN A 34 20.90 11.18 4.34
CA ASN A 34 21.81 11.92 3.44
C ASN A 34 23.08 11.11 3.13
N ASN A 35 22.90 9.83 2.82
CA ASN A 35 23.99 8.92 2.45
C ASN A 35 25.02 8.56 3.54
N GLU A 36 24.71 8.92 4.78
N GLU A 36 24.76 8.99 4.77
CA GLU A 36 25.59 8.71 5.91
CA GLU A 36 25.64 8.68 5.90
C GLU A 36 24.87 7.90 6.97
C GLU A 36 24.86 7.88 6.94
N THR A 37 25.54 6.92 7.56
CA THR A 37 24.91 6.05 8.57
C THR A 37 24.47 6.83 9.79
N ALA A 38 23.16 6.84 10.03
CA ALA A 38 22.57 7.60 11.13
C ALA A 38 22.19 6.71 12.32
N ALA A 39 21.90 5.43 12.06
CA ALA A 39 21.54 4.46 13.11
C ALA A 39 21.91 3.06 12.62
N THR A 40 22.34 2.19 13.54
N THR A 40 22.29 2.19 13.56
CA THR A 40 22.64 0.79 13.22
CA THR A 40 22.60 0.80 13.24
C THR A 40 21.99 -0.11 14.28
C THR A 40 21.92 -0.07 14.28
N PHE A 41 21.25 -1.12 13.81
CA PHE A 41 20.58 -2.08 14.69
C PHE A 41 21.10 -3.45 14.35
N SER A 42 21.26 -4.32 15.34
CA SER A 42 21.65 -5.69 15.02
C SER A 42 21.13 -6.65 16.07
N GLY A 43 20.93 -7.89 15.66
CA GLY A 43 20.42 -8.92 16.59
C GLY A 43 20.00 -10.15 15.84
N GLN A 44 19.58 -11.18 16.59
CA GLN A 44 19.16 -12.42 15.95
C GLN A 44 17.94 -12.96 16.69
N SER A 45 16.93 -13.37 15.91
CA SER A 45 15.70 -13.94 16.48
C SER A 45 14.98 -14.63 15.36
N THR A 46 14.29 -15.71 15.68
CA THR A 46 13.39 -16.34 14.73
C THR A 46 11.94 -16.07 15.20
N ASN A 47 11.81 -15.13 16.13
CA ASN A 47 10.52 -14.83 16.78
C ASN A 47 10.14 -13.34 16.70
N ASN A 48 10.59 -12.67 15.64
CA ASN A 48 10.18 -11.28 15.38
C ASN A 48 10.60 -10.29 16.48
N ALA A 49 11.69 -10.61 17.19
CA ALA A 49 12.18 -9.72 18.24
C ALA A 49 12.57 -8.36 17.67
N VAL A 50 12.25 -7.30 18.40
CA VAL A 50 12.70 -5.95 18.04
C VAL A 50 14.21 -5.85 18.26
N ILE A 51 14.96 -5.61 17.19
CA ILE A 51 16.42 -5.53 17.30
C ILE A 51 16.92 -4.09 17.39
N GLY A 52 15.99 -3.14 17.26
CA GLY A 52 16.34 -1.73 17.42
C GLY A 52 15.17 -0.83 17.09
N THR A 53 15.15 0.32 17.76
CA THR A 53 14.18 1.39 17.46
C THR A 53 14.85 2.71 17.83
N GLN A 54 14.60 3.71 17.01
CA GLN A 54 15.18 5.03 17.21
C GLN A 54 14.33 6.09 16.51
N VAL A 55 14.48 7.32 16.99
CA VAL A 55 13.90 8.49 16.33
C VAL A 55 15.04 9.27 15.70
N LEU A 56 14.91 9.52 14.39
CA LEU A 56 15.92 10.26 13.62
C LEU A 56 15.32 11.48 12.93
N ASN A 57 16.20 12.34 12.41
CA ASN A 57 15.78 13.53 11.69
C ASN A 57 16.20 13.39 10.22
N SER A 58 15.26 13.64 9.30
CA SER A 58 15.51 13.46 7.87
C SER A 58 16.50 14.47 7.29
N GLY A 59 16.77 15.52 8.05
CA GLY A 59 17.73 16.55 7.66
C GLY A 59 17.37 17.33 6.40
N SER A 60 18.37 18.00 5.82
CA SER A 60 18.08 18.88 4.69
C SER A 60 17.87 18.14 3.35
N SER A 61 18.31 16.88 3.26
CA SER A 61 18.10 16.11 2.04
C SER A 61 16.72 15.44 1.99
N GLY A 62 16.20 15.05 3.17
CA GLY A 62 14.99 14.23 3.22
C GLY A 62 15.20 12.79 2.78
N LYS A 63 16.44 12.44 2.41
CA LYS A 63 16.71 11.12 1.84
C LYS A 63 17.04 10.09 2.93
N VAL A 64 16.19 9.07 3.02
CA VAL A 64 16.40 8.01 4.02
C VAL A 64 16.56 6.68 3.32
N GLN A 65 17.61 5.94 3.67
CA GLN A 65 17.87 4.63 3.02
C GLN A 65 18.09 3.55 4.08
N VAL A 66 17.39 2.43 3.91
CA VAL A 66 17.59 1.27 4.76
C VAL A 66 18.46 0.25 4.04
N GLN A 67 19.52 -0.19 4.70
CA GLN A 67 20.33 -1.29 4.16
C GLN A 67 20.41 -2.41 5.17
N VAL A 68 20.35 -3.64 4.69
CA VAL A 68 20.39 -4.82 5.56
C VAL A 68 21.48 -5.74 5.06
N SER A 69 22.28 -6.24 6.00
N SER A 69 22.29 -6.26 5.99
CA SER A 69 23.44 -7.08 5.66
CA SER A 69 23.35 -7.16 5.60
C SER A 69 23.57 -8.25 6.64
C SER A 69 23.52 -8.26 6.61
N VAL A 70 24.06 -9.39 6.13
CA VAL A 70 24.33 -10.54 6.96
C VAL A 70 25.71 -11.05 6.54
N ASN A 71 26.61 -11.16 7.51
CA ASN A 71 28.03 -11.56 7.26
C ASN A 71 28.69 -10.70 6.17
N GLY A 72 28.38 -9.40 6.18
CA GLY A 72 28.94 -8.47 5.22
C GLY A 72 28.28 -8.46 3.86
N ARG A 73 27.34 -9.38 3.63
CA ARG A 73 26.67 -9.48 2.35
C ARG A 73 25.30 -8.81 2.39
N PRO A 74 25.09 -7.83 1.50
CA PRO A 74 23.81 -7.13 1.45
C PRO A 74 22.66 -8.08 1.13
N SER A 75 21.56 -7.99 1.89
CA SER A 75 20.38 -8.81 1.63
C SER A 75 19.58 -8.23 0.47
N ASP A 76 18.77 -9.06 -0.20
CA ASP A 76 17.87 -8.52 -1.22
C ASP A 76 16.69 -7.83 -0.53
N LEU A 77 16.41 -6.59 -0.93
CA LEU A 77 15.36 -5.80 -0.30
C LEU A 77 14.07 -5.70 -1.12
N VAL A 78 12.96 -5.61 -0.40
CA VAL A 78 11.65 -5.22 -0.98
C VAL A 78 11.09 -4.09 -0.14
N SER A 79 10.40 -3.13 -0.77
CA SER A 79 9.94 -1.96 -0.02
C SER A 79 8.76 -1.27 -0.71
N ALA A 80 8.01 -0.51 0.08
CA ALA A 80 6.98 0.36 -0.45
C ALA A 80 6.61 1.40 0.59
N GLN A 81 5.98 2.48 0.15
CA GLN A 81 5.45 3.47 1.07
C GLN A 81 3.94 3.51 0.97
N VAL A 82 3.27 3.57 2.12
CA VAL A 82 1.81 3.62 2.16
C VAL A 82 1.38 4.85 2.97
N ILE A 83 0.39 5.58 2.48
CA ILE A 83 -0.13 6.76 3.17
C ILE A 83 -1.62 6.55 3.44
N LEU A 84 -1.99 6.70 4.72
CA LEU A 84 -3.40 6.50 5.16
C LEU A 84 -4.01 7.85 5.50
N THR A 85 -5.27 8.01 5.09
CA THR A 85 -6.05 9.26 5.25
C THR A 85 -5.25 10.54 4.89
N ASN A 86 -4.37 10.39 3.91
CA ASN A 86 -3.55 11.48 3.36
C ASN A 86 -2.67 12.15 4.41
N GLU A 87 -2.37 11.42 5.49
CA GLU A 87 -1.66 12.02 6.64
C GLU A 87 -0.57 11.11 7.22
N LEU A 88 -0.88 9.82 7.35
CA LEU A 88 -0.01 8.91 8.11
C LEU A 88 0.83 8.08 7.15
N ASN A 89 2.15 8.17 7.28
CA ASN A 89 3.08 7.53 6.37
C ASN A 89 3.77 6.32 6.97
N PHE A 90 3.80 5.23 6.21
CA PHE A 90 4.62 4.05 6.57
C PHE A 90 5.60 3.78 5.43
N ALA A 91 6.87 3.64 5.76
CA ALA A 91 7.83 3.19 4.75
C ALA A 91 8.32 1.83 5.24
N LEU A 92 8.05 0.80 4.42
CA LEU A 92 8.16 -0.58 4.86
C LEU A 92 9.26 -1.28 4.07
N VAL A 93 10.09 -2.08 4.76
CA VAL A 93 11.17 -2.81 4.14
C VAL A 93 11.20 -4.26 4.61
N GLY A 94 11.30 -5.19 3.67
CA GLY A 94 11.59 -6.59 4.01
C GLY A 94 12.91 -6.99 3.36
N SER A 95 13.50 -8.10 3.83
CA SER A 95 14.79 -8.47 3.28
C SER A 95 14.96 -9.99 3.30
N GLU A 96 15.69 -10.50 2.31
CA GLU A 96 15.97 -11.92 2.18
C GLU A 96 17.49 -12.17 2.22
N ASP A 97 17.91 -13.05 3.14
CA ASP A 97 19.33 -13.31 3.34
C ASP A 97 19.73 -14.70 2.85
N GLY A 98 18.76 -15.42 2.31
CA GLY A 98 18.96 -16.85 2.00
C GLY A 98 18.20 -17.31 0.77
N THR A 99 17.61 -18.47 0.89
CA THR A 99 17.05 -19.19 -0.25
C THR A 99 15.57 -19.51 -0.12
N ASP A 100 14.97 -19.24 1.03
CA ASP A 100 13.56 -19.60 1.24
C ASP A 100 12.55 -18.52 0.80
N ASN A 101 13.08 -17.34 0.50
CA ASN A 101 12.28 -16.22 -0.05
C ASN A 101 11.05 -15.89 0.80
N ASP A 102 11.23 -15.90 2.11
CA ASP A 102 10.18 -15.37 3.02
C ASP A 102 10.28 -13.83 3.20
N TYR A 103 11.44 -13.25 2.87
CA TYR A 103 11.64 -11.77 2.88
C TYR A 103 11.36 -11.10 4.23
N ASN A 104 11.47 -11.85 5.32
CA ASN A 104 11.17 -11.32 6.66
C ASN A 104 12.43 -11.33 7.55
N ASP A 105 13.59 -11.70 6.97
CA ASP A 105 14.81 -11.96 7.78
C ASP A 105 15.20 -10.74 8.62
N ALA A 106 15.12 -9.56 8.02
CA ALA A 106 15.01 -8.32 8.78
C ALA A 106 13.85 -7.52 8.19
N VAL A 107 12.94 -7.11 9.06
CA VAL A 107 11.79 -6.29 8.64
C VAL A 107 11.97 -4.90 9.26
N VAL A 108 11.84 -3.84 8.47
CA VAL A 108 12.04 -2.47 9.00
C VAL A 108 10.80 -1.62 8.71
N VAL A 109 10.33 -0.92 9.74
CA VAL A 109 9.18 -0.05 9.64
C VAL A 109 9.63 1.38 9.98
N ILE A 110 9.41 2.28 9.03
CA ILE A 110 9.66 3.69 9.23
C ILE A 110 8.29 4.39 9.24
N ASN A 111 8.07 5.25 10.21
CA ASN A 111 6.78 5.94 10.32
C ASN A 111 6.93 7.43 10.65
N TRP A 112 6.07 8.25 10.03
CA TRP A 112 6.04 9.67 10.34
C TRP A 112 4.66 10.17 9.91
N PRO A 113 4.24 11.33 10.41
CA PRO A 113 4.97 12.17 11.35
C PRO A 113 4.83 11.60 12.76
N LEU A 114 5.67 12.09 13.66
CA LEU A 114 5.58 11.71 15.08
C LEU A 114 4.94 12.90 15.83
N GLY A 115 4.81 12.74 17.13
CA GLY A 115 4.36 13.83 17.99
C GLY A 115 2.88 13.76 18.26
N ALA B 2 -16.44 2.97 6.63
CA ALA B 2 -16.10 1.53 6.45
C ALA B 2 -15.40 1.00 7.70
N THR B 3 -15.53 -0.31 7.94
CA THR B 3 -14.81 -0.97 9.05
C THR B 3 -13.29 -0.85 8.84
N GLN B 4 -12.58 -0.51 9.93
CA GLN B 4 -11.12 -0.40 9.90
C GLN B 4 -10.53 -1.17 11.07
N GLY B 5 -9.27 -1.58 10.95
CA GLY B 5 -8.59 -2.34 11.99
C GLY B 5 -8.92 -3.82 12.05
N VAL B 6 -9.63 -4.34 11.03
CA VAL B 6 -9.96 -5.77 10.96
C VAL B 6 -9.24 -6.42 9.79
N PHE B 7 -8.56 -7.52 10.05
CA PHE B 7 -7.77 -8.17 9.02
C PHE B 7 -7.98 -9.67 9.02
N THR B 8 -8.09 -10.26 7.84
CA THR B 8 -8.14 -11.72 7.73
C THR B 8 -6.77 -12.26 7.40
N LEU B 9 -6.14 -12.86 8.41
CA LEU B 9 -4.85 -13.53 8.21
C LEU B 9 -5.09 -14.98 7.81
N PRO B 10 -4.05 -15.64 7.24
CA PRO B 10 -4.13 -17.11 7.13
C PRO B 10 -4.35 -17.69 8.53
N ALA B 11 -5.18 -18.74 8.59
CA ALA B 11 -5.55 -19.35 9.87
C ALA B 11 -4.36 -20.04 10.54
N ASN B 12 -4.37 -20.09 11.87
CA ASN B 12 -3.34 -20.79 12.65
C ASN B 12 -1.90 -20.42 12.32
N THR B 13 -1.67 -19.11 12.17
CA THR B 13 -0.39 -18.58 11.69
C THR B 13 0.12 -17.56 12.69
N ARG B 14 1.41 -17.68 13.02
CA ARG B 14 2.05 -16.71 13.92
C ARG B 14 2.22 -15.37 13.23
N PHE B 15 1.92 -14.30 13.97
CA PHE B 15 2.16 -12.95 13.44
C PHE B 15 2.69 -12.09 14.57
N GLY B 16 3.40 -11.03 14.21
CA GLY B 16 3.88 -10.05 15.19
C GLY B 16 2.88 -8.90 15.25
N VAL B 17 2.70 -8.33 16.44
CA VAL B 17 1.91 -7.10 16.57
C VAL B 17 2.68 -6.13 17.47
N THR B 18 2.83 -4.90 16.99
CA THR B 18 3.67 -3.90 17.66
C THR B 18 2.94 -2.57 17.65
N ALA B 19 2.95 -1.86 18.78
CA ALA B 19 2.24 -0.57 18.90
C ALA B 19 3.19 0.56 19.26
N PHE B 20 2.95 1.75 18.69
CA PHE B 20 3.78 2.94 18.89
C PHE B 20 2.84 4.03 19.37
N ALA B 21 3.35 4.90 20.26
CA ALA B 21 2.53 5.98 20.81
C ALA B 21 3.09 7.34 20.39
N ASN B 22 2.19 8.25 19.98
CA ASN B 22 2.53 9.63 19.64
C ASN B 22 1.39 10.57 20.05
N SER B 23 1.21 10.72 21.36
CA SER B 23 0.11 11.51 21.88
C SER B 23 0.41 11.94 23.29
N SER B 24 -0.23 13.03 23.71
CA SER B 24 -0.16 13.45 25.12
C SER B 24 -1.05 12.54 26.01
N ASN B 25 -2.02 11.85 25.39
CA ASN B 25 -2.88 10.88 26.11
C ASN B 25 -2.22 9.51 26.20
N THR B 26 -2.42 8.81 27.33
CA THR B 26 -2.09 7.39 27.40
C THR B 26 -2.98 6.59 26.43
N GLN B 27 -2.34 5.79 25.59
CA GLN B 27 -3.04 4.94 24.61
C GLN B 27 -3.26 3.54 25.18
N THR B 28 -4.40 2.95 24.84
CA THR B 28 -4.66 1.54 25.12
C THR B 28 -4.99 0.83 23.83
N VAL B 29 -4.16 -0.14 23.47
CA VAL B 29 -4.35 -0.92 22.25
C VAL B 29 -4.77 -2.36 22.59
N ASN B 30 -5.92 -2.79 22.10
CA ASN B 30 -6.37 -4.16 22.28
C ASN B 30 -6.29 -4.91 20.96
N VAL B 31 -5.72 -6.10 21.01
CA VAL B 31 -5.65 -6.98 19.84
C VAL B 31 -6.52 -8.20 20.10
N LEU B 32 -7.53 -8.36 19.27
CA LEU B 32 -8.49 -9.45 19.41
C LEU B 32 -8.21 -10.54 18.39
N VAL B 33 -8.21 -11.78 18.85
CA VAL B 33 -8.10 -12.92 17.97
C VAL B 33 -9.32 -13.78 18.19
N ASN B 34 -10.06 -13.99 17.10
CA ASN B 34 -11.35 -14.68 17.10
C ASN B 34 -12.27 -14.04 18.12
N ASN B 35 -12.38 -12.72 18.02
CA ASN B 35 -13.27 -11.90 18.84
C ASN B 35 -13.00 -11.95 20.35
N GLU B 36 -11.82 -12.41 20.75
CA GLU B 36 -11.42 -12.39 22.16
C GLU B 36 -10.08 -11.65 22.32
N THR B 37 -9.95 -10.85 23.37
CA THR B 37 -8.72 -10.07 23.59
C THR B 37 -7.55 -11.00 23.81
N ALA B 38 -6.51 -10.83 22.98
CA ALA B 38 -5.31 -11.68 23.03
C ALA B 38 -4.08 -10.92 23.52
N ALA B 39 -4.06 -9.60 23.30
CA ALA B 39 -2.99 -8.76 23.80
C ALA B 39 -3.49 -7.37 24.07
N THR B 40 -2.88 -6.70 25.05
CA THR B 40 -3.23 -5.33 25.38
C THR B 40 -1.95 -4.55 25.67
N PHE B 41 -1.74 -3.45 24.94
CA PHE B 41 -0.57 -2.60 25.16
C PHE B 41 -0.99 -1.20 25.61
N SER B 42 -0.12 -0.52 26.36
CA SER B 42 -0.44 0.81 26.83
C SER B 42 0.82 1.60 27.10
N GLY B 43 0.74 2.91 26.95
CA GLY B 43 1.87 3.82 27.22
C GLY B 43 1.52 5.21 26.80
N GLN B 44 2.44 6.14 27.09
CA GLN B 44 2.26 7.53 26.74
C GLN B 44 3.57 8.15 26.30
N SER B 45 3.64 8.55 25.03
CA SER B 45 4.82 9.20 24.51
C SER B 45 4.42 10.06 23.34
N THR B 46 5.12 11.18 23.14
CA THR B 46 4.95 11.96 21.90
C THR B 46 6.14 11.71 20.98
N ASN B 47 6.93 10.66 21.28
CA ASN B 47 8.15 10.36 20.56
C ASN B 47 8.27 8.90 20.09
N ASN B 48 7.13 8.28 19.73
CA ASN B 48 7.10 6.98 19.04
C ASN B 48 7.58 5.78 19.87
N ALA B 49 7.36 5.83 21.18
CA ALA B 49 7.68 4.70 22.06
C ALA B 49 6.97 3.42 21.61
N VAL B 50 7.72 2.32 21.60
CA VAL B 50 7.19 1.00 21.29
C VAL B 50 6.56 0.49 22.58
N ILE B 51 5.27 0.81 22.76
CA ILE B 51 4.58 0.54 24.02
C ILE B 51 4.28 -0.95 24.24
N GLY B 52 4.38 -1.72 23.17
CA GLY B 52 4.25 -3.17 23.27
C GLY B 52 4.52 -3.87 21.96
N THR B 53 4.97 -5.11 22.10
CA THR B 53 5.17 -5.99 20.94
C THR B 53 5.04 -7.43 21.39
N GLN B 54 4.42 -8.26 20.54
CA GLN B 54 4.07 -9.61 20.95
C GLN B 54 3.86 -10.48 19.71
N VAL B 55 4.16 -11.77 19.86
CA VAL B 55 3.85 -12.76 18.83
C VAL B 55 2.58 -13.47 19.22
N LEU B 56 1.62 -13.54 18.29
CA LEU B 56 0.33 -14.17 18.56
C LEU B 56 0.01 -15.18 17.47
N ASN B 57 -0.96 -16.05 17.71
CA ASN B 57 -1.43 -16.96 16.68
C ASN B 57 -2.79 -16.49 16.19
N SER B 58 -2.99 -16.52 14.87
CA SER B 58 -4.21 -15.99 14.23
C SER B 58 -5.45 -16.85 14.50
N GLY B 59 -5.24 -18.08 15.01
CA GLY B 59 -6.38 -18.91 15.39
C GLY B 59 -7.13 -19.53 14.22
N SER B 60 -8.31 -20.08 14.50
CA SER B 60 -9.04 -20.88 13.52
C SER B 60 -9.62 -20.09 12.35
N SER B 61 -10.12 -18.88 12.63
CA SER B 61 -10.72 -18.04 11.58
C SER B 61 -9.70 -17.12 10.90
N GLY B 62 -8.56 -16.90 11.56
CA GLY B 62 -7.57 -15.92 11.09
C GLY B 62 -7.97 -14.46 11.27
N LYS B 63 -9.12 -14.21 11.90
CA LYS B 63 -9.63 -12.85 12.08
C LYS B 63 -8.89 -12.12 13.19
N VAL B 64 -8.20 -11.04 12.84
CA VAL B 64 -7.48 -10.23 13.83
C VAL B 64 -8.03 -8.81 13.81
N GLN B 65 -8.37 -8.30 14.99
CA GLN B 65 -8.92 -6.94 15.10
C GLN B 65 -8.13 -6.12 16.10
N VAL B 66 -7.80 -4.89 15.67
CA VAL B 66 -7.14 -3.90 16.52
C VAL B 66 -8.14 -2.82 16.94
N GLN B 67 -8.19 -2.57 18.26
CA GLN B 67 -9.02 -1.49 18.80
C GLN B 67 -8.14 -0.58 19.65
N VAL B 68 -8.37 0.72 19.55
CA VAL B 68 -7.58 1.71 20.28
C VAL B 68 -8.52 2.60 21.08
N SER B 69 -8.17 2.84 22.34
CA SER B 69 -8.96 3.76 23.14
C SER B 69 -8.08 4.56 24.05
N VAL B 70 -8.61 5.69 24.49
CA VAL B 70 -7.93 6.53 25.47
C VAL B 70 -8.90 6.61 26.62
N ASN B 71 -8.54 5.93 27.71
CA ASN B 71 -9.40 5.77 28.88
C ASN B 71 -10.87 5.45 28.53
N GLY B 72 -11.06 4.36 27.80
CA GLY B 72 -12.41 3.92 27.47
C GLY B 72 -13.06 4.56 26.25
N ARG B 73 -12.55 5.72 25.82
CA ARG B 73 -13.07 6.39 24.63
C ARG B 73 -12.40 5.84 23.35
N PRO B 74 -13.19 5.18 22.48
CA PRO B 74 -12.59 4.61 21.26
C PRO B 74 -12.02 5.70 20.32
N SER B 75 -10.82 5.45 19.80
CA SER B 75 -10.23 6.36 18.83
C SER B 75 -10.73 6.01 17.43
N ASP B 76 -10.67 6.98 16.51
CA ASP B 76 -11.06 6.72 15.11
C ASP B 76 -9.89 6.03 14.40
N LEU B 77 -10.18 4.97 13.66
CA LEU B 77 -9.12 4.12 13.08
C LEU B 77 -9.00 4.30 11.56
N VAL B 78 -7.78 4.13 11.07
CA VAL B 78 -7.53 3.99 9.63
C VAL B 78 -6.63 2.78 9.44
N SER B 79 -6.83 2.02 8.36
CA SER B 79 -6.04 0.80 8.21
C SER B 79 -5.91 0.38 6.77
N ALA B 80 -4.92 -0.48 6.51
CA ALA B 80 -4.74 -1.13 5.20
C ALA B 80 -3.80 -2.31 5.35
N GLN B 81 -3.89 -3.26 4.42
CA GLN B 81 -2.89 -4.34 4.36
C GLN B 81 -2.06 -4.20 3.07
N VAL B 82 -0.76 -4.42 3.16
N VAL B 82 -0.76 -4.44 3.16
CA VAL B 82 0.09 -4.38 1.96
CA VAL B 82 0.14 -4.35 2.01
C VAL B 82 0.93 -5.65 1.94
C VAL B 82 0.96 -5.64 1.94
N ILE B 83 1.11 -6.17 0.73
CA ILE B 83 1.89 -7.39 0.50
C ILE B 83 3.01 -7.08 -0.48
N LEU B 84 4.24 -7.36 -0.03
CA LEU B 84 5.44 -7.17 -0.86
C LEU B 84 5.94 -8.51 -1.42
N THR B 85 6.41 -8.50 -2.67
CA THR B 85 6.87 -9.70 -3.42
C THR B 85 5.98 -10.95 -3.20
N ASN B 86 4.67 -10.69 -3.10
CA ASN B 86 3.67 -11.75 -2.96
C ASN B 86 3.90 -12.67 -1.75
N GLU B 87 4.64 -12.19 -0.74
CA GLU B 87 5.07 -13.03 0.41
C GLU B 87 5.00 -12.37 1.77
N LEU B 88 5.44 -11.12 1.84
CA LEU B 88 5.62 -10.41 3.11
C LEU B 88 4.41 -9.50 3.35
N ASN B 89 3.73 -9.71 4.48
CA ASN B 89 2.48 -9.01 4.76
C ASN B 89 2.64 -8.00 5.90
N PHE B 90 2.02 -6.83 5.73
CA PHE B 90 1.90 -5.83 6.78
C PHE B 90 0.42 -5.43 6.89
N ALA B 91 -0.12 -5.49 8.09
CA ALA B 91 -1.42 -4.90 8.35
C ALA B 91 -1.17 -3.68 9.22
N LEU B 92 -1.65 -2.54 8.75
CA LEU B 92 -1.28 -1.25 9.33
C LEU B 92 -2.49 -0.54 9.91
N VAL B 93 -2.31 0.07 11.08
CA VAL B 93 -3.39 0.82 11.73
C VAL B 93 -2.88 2.17 12.24
N GLY B 94 -3.63 3.22 11.95
CA GLY B 94 -3.40 4.53 12.58
C GLY B 94 -4.67 4.86 13.37
N SER B 95 -4.54 5.75 14.34
CA SER B 95 -5.72 6.12 15.16
C SER B 95 -5.61 7.58 15.60
N GLU B 96 -6.80 8.19 15.77
CA GLU B 96 -6.88 9.60 16.16
C GLU B 96 -7.72 9.74 17.43
N ASP B 97 -7.14 10.38 18.45
CA ASP B 97 -7.78 10.50 19.76
C ASP B 97 -8.26 11.92 20.04
N GLY B 98 -8.06 12.82 19.07
CA GLY B 98 -8.33 14.24 19.25
C GLY B 98 -8.81 14.91 17.97
N THR B 99 -8.30 16.11 17.74
CA THR B 99 -8.81 16.98 16.67
C THR B 99 -7.79 17.41 15.61
N ASP B 100 -6.52 17.04 15.77
CA ASP B 100 -5.48 17.49 14.85
C ASP B 100 -5.36 16.57 13.62
N ASN B 101 -5.99 15.41 13.68
CA ASN B 101 -6.04 14.45 12.58
C ASN B 101 -4.65 14.05 12.04
N ASP B 102 -3.69 13.83 12.94
CA ASP B 102 -2.42 13.26 12.50
C ASP B 102 -2.51 11.73 12.43
N TYR B 103 -3.53 11.14 13.07
CA TYR B 103 -3.77 9.68 13.02
C TYR B 103 -2.57 8.80 13.42
N ASN B 104 -1.70 9.35 14.26
CA ASN B 104 -0.48 8.64 14.70
C ASN B 104 -0.51 8.40 16.21
N ASP B 105 -1.63 8.73 16.86
CA ASP B 105 -1.68 8.75 18.34
C ASP B 105 -1.37 7.38 18.93
N ALA B 106 -1.93 6.34 18.32
CA ALA B 106 -1.39 4.98 18.45
C ALA B 106 -1.31 4.37 17.05
N VAL B 107 -0.10 3.94 16.71
CA VAL B 107 0.18 3.28 15.40
C VAL B 107 0.44 1.80 15.67
N VAL B 108 -0.23 0.94 14.91
CA VAL B 108 -0.07 -0.50 15.15
C VAL B 108 0.38 -1.14 13.85
N VAL B 109 1.41 -1.96 13.95
CA VAL B 109 1.88 -2.73 12.79
C VAL B 109 1.83 -4.22 13.08
N ILE B 110 1.13 -4.95 12.22
CA ILE B 110 1.07 -6.42 12.28
C ILE B 110 1.86 -6.98 11.12
N ASN B 111 2.74 -7.94 11.39
CA ASN B 111 3.54 -8.51 10.30
C ASN B 111 3.57 -10.03 10.33
N TRP B 112 3.51 -10.62 9.13
CA TRP B 112 3.65 -12.06 8.95
C TRP B 112 4.14 -12.34 7.52
N PRO B 113 4.70 -13.55 7.27
CA PRO B 113 4.95 -14.60 8.26
C PRO B 113 6.20 -14.32 9.08
N LEU B 114 6.36 -15.09 10.17
CA LEU B 114 7.54 -14.95 11.01
C LEU B 114 8.48 -16.13 10.77
N GLY B 115 9.61 -16.13 11.47
CA GLY B 115 10.50 -17.28 11.49
C GLY B 115 11.61 -17.23 10.49
N ALA C 2 14.14 -9.31 -6.01
CA ALA C 2 12.93 -10.12 -5.67
C ALA C 2 12.03 -10.19 -6.88
N THR C 3 11.28 -11.28 -6.98
CA THR C 3 10.28 -11.46 -8.04
C THR C 3 9.22 -10.36 -7.91
N GLN C 4 8.84 -9.77 -9.05
CA GLN C 4 7.82 -8.73 -9.08
C GLN C 4 6.79 -9.07 -10.16
N GLY C 5 5.57 -8.55 -9.99
CA GLY C 5 4.51 -8.74 -10.97
C GLY C 5 3.81 -10.11 -10.88
N VAL C 6 4.07 -10.86 -9.80
CA VAL C 6 3.38 -12.15 -9.58
C VAL C 6 2.48 -12.04 -8.34
N PHE C 7 1.22 -12.45 -8.48
CA PHE C 7 0.27 -12.35 -7.40
C PHE C 7 -0.53 -13.63 -7.21
N THR C 8 -0.75 -14.05 -5.97
CA THR C 8 -1.67 -15.15 -5.68
C THR C 8 -3.06 -14.59 -5.33
N LEU C 9 -4.01 -14.78 -6.23
CA LEU C 9 -5.40 -14.42 -5.96
C LEU C 9 -6.12 -15.61 -5.38
N PRO C 10 -7.26 -15.38 -4.72
CA PRO C 10 -8.09 -16.50 -4.30
C PRO C 10 -8.49 -17.27 -5.55
N ALA C 11 -8.59 -18.60 -5.43
CA ALA C 11 -8.91 -19.44 -6.57
C ALA C 11 -10.32 -19.09 -7.07
N ASN C 12 -10.53 -19.23 -8.38
CA ASN C 12 -11.85 -19.03 -9.00
C ASN C 12 -12.47 -17.69 -8.65
N THR C 13 -11.70 -16.64 -8.86
CA THR C 13 -12.15 -15.28 -8.57
C THR C 13 -12.05 -14.42 -9.84
N ARG C 14 -13.11 -13.68 -10.13
CA ARG C 14 -13.11 -12.72 -11.25
C ARG C 14 -12.23 -11.54 -10.86
N PHE C 15 -11.43 -11.04 -11.82
CA PHE C 15 -10.62 -9.85 -11.54
C PHE C 15 -10.50 -9.00 -12.80
N GLY C 16 -10.34 -7.69 -12.62
CA GLY C 16 -10.08 -6.79 -13.73
C GLY C 16 -8.58 -6.61 -13.89
N VAL C 17 -8.14 -6.46 -15.13
CA VAL C 17 -6.75 -6.06 -15.39
C VAL C 17 -6.71 -4.93 -16.42
N THR C 18 -5.99 -3.86 -16.11
CA THR C 18 -6.01 -2.64 -16.93
C THR C 18 -4.59 -2.13 -17.08
N ALA C 19 -4.19 -1.81 -18.32
CA ALA C 19 -2.80 -1.38 -18.60
C ALA C 19 -2.79 0.03 -19.17
N PHE C 20 -1.86 0.86 -18.68
CA PHE C 20 -1.69 2.25 -19.12
C PHE C 20 -0.30 2.37 -19.72
N ALA C 21 -0.15 3.27 -20.70
CA ALA C 21 1.17 3.47 -21.30
C ALA C 21 1.60 4.93 -21.15
N ASN C 22 2.88 5.11 -20.81
CA ASN C 22 3.52 6.41 -20.63
C ASN C 22 4.98 6.35 -21.10
N SER C 23 5.19 6.22 -22.41
CA SER C 23 6.54 6.03 -22.92
C SER C 23 6.55 6.34 -24.41
N SER C 24 7.72 6.71 -24.94
CA SER C 24 7.85 6.87 -26.38
C SER C 24 7.85 5.52 -27.13
N ASN C 25 8.10 4.42 -26.40
CA ASN C 25 8.14 3.08 -26.96
C ASN C 25 6.78 2.37 -26.87
N THR C 26 6.45 1.60 -27.90
CA THR C 26 5.30 0.70 -27.81
C THR C 26 5.50 -0.30 -26.66
N GLN C 27 4.48 -0.39 -25.80
CA GLN C 27 4.46 -1.34 -24.67
C GLN C 27 3.66 -2.59 -25.05
N THR C 28 4.18 -3.75 -24.66
CA THR C 28 3.42 -5.01 -24.75
C THR C 28 3.20 -5.53 -23.34
N VAL C 29 1.94 -5.72 -22.97
CA VAL C 29 1.60 -6.25 -21.66
C VAL C 29 0.94 -7.60 -21.82
N ASN C 30 1.53 -8.62 -21.21
CA ASN C 30 0.96 -9.96 -21.21
C ASN C 30 0.53 -10.33 -19.80
N VAL C 31 -0.68 -10.88 -19.68
CA VAL C 31 -1.22 -11.26 -18.39
C VAL C 31 -1.40 -12.77 -18.40
N LEU C 32 -0.69 -13.45 -17.51
CA LEU C 32 -0.70 -14.89 -17.47
C LEU C 32 -1.52 -15.39 -16.26
N VAL C 33 -2.33 -16.42 -16.50
CA VAL C 33 -3.06 -17.06 -15.42
C VAL C 33 -2.68 -18.51 -15.47
N ASN C 34 -2.21 -19.00 -14.33
CA ASN C 34 -1.71 -20.38 -14.23
C ASN C 34 -0.65 -20.63 -15.30
N ASN C 35 0.26 -19.66 -15.46
CA ASN C 35 1.36 -19.74 -16.43
C ASN C 35 0.96 -19.78 -17.91
N GLU C 36 -0.27 -19.43 -18.24
CA GLU C 36 -0.70 -19.37 -19.63
C GLU C 36 -1.24 -17.97 -19.93
N THR C 37 -0.82 -17.38 -21.06
CA THR C 37 -1.29 -16.05 -21.48
C THR C 37 -2.81 -16.03 -21.57
N ALA C 38 -3.40 -15.10 -20.83
CA ALA C 38 -4.84 -14.96 -20.78
C ALA C 38 -5.33 -13.67 -21.42
N ALA C 39 -4.46 -12.65 -21.47
CA ALA C 39 -4.79 -11.38 -22.12
C ALA C 39 -3.51 -10.68 -22.58
N THR C 40 -3.59 -9.95 -23.68
N THR C 40 -3.57 -10.00 -23.71
CA THR C 40 -2.43 -9.25 -24.20
CA THR C 40 -2.42 -9.23 -24.22
C THR C 40 -2.85 -7.89 -24.76
C THR C 40 -2.91 -7.87 -24.69
N PHE C 41 -2.14 -6.84 -24.36
CA PHE C 41 -2.44 -5.47 -24.82
C PHE C 41 -1.15 -4.84 -25.37
N SER C 42 -1.27 -4.03 -26.42
CA SER C 42 -0.11 -3.33 -26.96
C SER C 42 -0.49 -1.91 -27.31
N GLY C 43 0.44 -0.99 -27.15
CA GLY C 43 0.15 0.36 -27.61
C GLY C 43 1.20 1.35 -27.15
N GLN C 44 1.22 2.50 -27.81
CA GLN C 44 2.14 3.55 -27.46
C GLN C 44 1.36 4.78 -27.02
N SER C 45 1.79 5.39 -25.90
CA SER C 45 1.20 6.64 -25.45
C SER C 45 2.15 7.31 -24.50
N THR C 46 2.18 8.64 -24.53
CA THR C 46 2.85 9.41 -23.45
C THR C 46 1.81 10.22 -22.67
N ASN C 47 0.55 9.79 -22.78
CA ASN C 47 -0.62 10.44 -22.16
C ASN C 47 -1.53 9.48 -21.41
N ASN C 48 -0.94 8.41 -20.85
CA ASN C 48 -1.67 7.48 -19.97
C ASN C 48 -2.85 6.78 -20.66
N ALA C 49 -2.72 6.49 -21.95
CA ALA C 49 -3.78 5.75 -22.65
C ALA C 49 -3.99 4.40 -21.98
N VAL C 50 -5.25 4.00 -21.87
CA VAL C 50 -5.61 2.66 -21.42
C VAL C 50 -5.44 1.76 -22.64
N ILE C 51 -4.28 1.14 -22.75
CA ILE C 51 -4.01 0.29 -23.91
C ILE C 51 -4.77 -1.01 -23.92
N GLY C 52 -5.34 -1.38 -22.78
CA GLY C 52 -6.32 -2.48 -22.75
C GLY C 52 -6.85 -2.70 -21.36
N THR C 53 -8.08 -3.19 -21.29
CA THR C 53 -8.64 -3.64 -20.02
C THR C 53 -9.46 -4.90 -20.30
N GLN C 54 -9.44 -5.81 -19.35
CA GLN C 54 -10.10 -7.11 -19.53
C GLN C 54 -10.52 -7.65 -18.19
N VAL C 55 -11.53 -8.54 -18.21
CA VAL C 55 -11.94 -9.26 -17.02
C VAL C 55 -11.57 -10.72 -17.21
N LEU C 56 -10.91 -11.30 -16.21
CA LEU C 56 -10.46 -12.68 -16.26
C LEU C 56 -10.90 -13.43 -14.98
N ASN C 57 -10.70 -14.74 -14.99
CA ASN C 57 -10.94 -15.51 -13.79
C ASN C 57 -9.62 -16.16 -13.36
N SER C 58 -9.33 -16.12 -12.07
CA SER C 58 -8.04 -16.58 -11.54
C SER C 58 -7.93 -18.10 -11.62
N GLY C 59 -9.05 -18.80 -11.84
CA GLY C 59 -9.01 -20.25 -12.10
C GLY C 59 -8.64 -21.07 -10.87
N SER C 60 -8.31 -22.35 -11.06
CA SER C 60 -7.97 -23.22 -9.93
C SER C 60 -6.71 -22.84 -9.15
N SER C 61 -5.70 -22.28 -9.83
CA SER C 61 -4.42 -22.00 -9.18
C SER C 61 -4.41 -20.67 -8.45
N GLY C 62 -5.17 -19.71 -8.98
CA GLY C 62 -5.11 -18.33 -8.48
C GLY C 62 -3.84 -17.57 -8.86
N LYS C 63 -2.93 -18.19 -9.61
CA LYS C 63 -1.65 -17.54 -9.96
C LYS C 63 -1.82 -16.58 -11.14
N VAL C 64 -1.55 -15.28 -10.90
CA VAL C 64 -1.61 -14.28 -11.99
C VAL C 64 -0.25 -13.60 -12.10
N GLN C 65 0.27 -13.49 -13.33
CA GLN C 65 1.53 -12.83 -13.54
C GLN C 65 1.42 -11.79 -14.65
N VAL C 66 1.99 -10.63 -14.40
CA VAL C 66 2.07 -9.57 -15.39
C VAL C 66 3.49 -9.49 -15.94
N GLN C 67 3.61 -9.51 -17.28
CA GLN C 67 4.90 -9.28 -17.95
C GLN C 67 4.81 -8.07 -18.87
N VAL C 68 5.87 -7.27 -18.92
CA VAL C 68 5.89 -6.09 -19.77
C VAL C 68 7.15 -6.15 -20.60
N SER C 69 7.01 -5.95 -21.91
CA SER C 69 8.20 -5.89 -22.77
C SER C 69 8.07 -4.83 -23.84
N VAL C 70 9.21 -4.38 -24.33
CA VAL C 70 9.27 -3.43 -25.43
C VAL C 70 10.07 -4.08 -26.55
N ASN C 71 9.41 -4.30 -27.68
CA ASN C 71 9.99 -5.03 -28.81
C ASN C 71 10.91 -6.18 -28.38
N GLY C 72 10.39 -7.03 -27.49
CA GLY C 72 11.07 -8.25 -27.11
C GLY C 72 12.07 -8.15 -25.98
N ARG C 73 12.13 -7.00 -25.31
CA ARG C 73 12.95 -6.86 -24.09
C ARG C 73 12.09 -6.55 -22.87
N PRO C 74 12.18 -7.43 -21.86
CA PRO C 74 11.39 -7.32 -20.64
C PRO C 74 11.81 -6.06 -19.92
N SER C 75 10.81 -5.28 -19.50
CA SER C 75 11.07 -4.10 -18.68
C SER C 75 11.31 -4.52 -17.22
N ASP C 76 11.98 -3.66 -16.46
CA ASP C 76 12.18 -3.92 -15.03
C ASP C 76 10.88 -3.62 -14.32
N LEU C 77 10.39 -4.56 -13.52
CA LEU C 77 9.07 -4.40 -12.88
C LEU C 77 9.18 -4.03 -11.39
N VAL C 78 8.19 -3.27 -10.93
CA VAL C 78 7.96 -3.05 -9.49
C VAL C 78 6.50 -3.34 -9.20
N SER C 79 6.22 -3.91 -8.03
CA SER C 79 4.83 -4.30 -7.75
C SER C 79 4.53 -4.39 -6.25
N ALA C 80 3.23 -4.38 -5.93
CA ALA C 80 2.76 -4.57 -4.56
C ALA C 80 1.26 -4.83 -4.62
N GLN C 81 0.74 -5.47 -3.58
CA GLN C 81 -0.71 -5.64 -3.44
C GLN C 81 -1.19 -4.89 -2.22
N VAL C 82 -2.33 -4.21 -2.36
N VAL C 82 -2.34 -4.22 -2.34
CA VAL C 82 -2.94 -3.49 -1.24
CA VAL C 82 -2.91 -3.48 -1.20
C VAL C 82 -4.38 -3.97 -1.04
C VAL C 82 -4.40 -3.79 -1.04
N ILE C 83 -4.83 -3.97 0.22
CA ILE C 83 -6.19 -4.37 0.55
C ILE C 83 -6.78 -3.29 1.45
N LEU C 84 -7.93 -2.77 1.03
CA LEU C 84 -8.67 -1.76 1.77
C LEU C 84 -9.91 -2.40 2.41
N THR C 85 -10.21 -1.94 3.64
CA THR C 85 -11.31 -2.46 4.49
C THR C 85 -11.43 -3.99 4.45
N ASN C 86 -10.27 -4.66 4.35
CA ASN C 86 -10.16 -6.13 4.40
C ASN C 86 -11.01 -6.81 3.31
N GLU C 87 -11.21 -6.09 2.20
CA GLU C 87 -12.13 -6.60 1.16
C GLU C 87 -11.69 -6.25 -0.26
N LEU C 88 -11.35 -4.98 -0.49
CA LEU C 88 -11.10 -4.49 -1.85
C LEU C 88 -9.59 -4.60 -2.14
N ASN C 89 -9.24 -5.33 -3.19
CA ASN C 89 -7.84 -5.65 -3.49
C ASN C 89 -7.34 -4.96 -4.75
N PHE C 90 -6.10 -4.46 -4.68
CA PHE C 90 -5.42 -3.93 -5.87
C PHE C 90 -4.05 -4.59 -5.94
N ALA C 91 -3.74 -5.17 -7.08
CA ALA C 91 -2.39 -5.65 -7.37
C ALA C 91 -1.81 -4.68 -8.40
N LEU C 92 -0.70 -4.05 -8.04
CA LEU C 92 -0.21 -2.91 -8.81
C LEU C 92 1.15 -3.23 -9.42
N VAL C 93 1.34 -2.82 -10.68
CA VAL C 93 2.61 -3.05 -11.36
C VAL C 93 3.08 -1.77 -12.05
N GLY C 94 4.36 -1.43 -11.88
CA GLY C 94 5.01 -0.37 -12.68
C GLY C 94 6.17 -1.00 -13.44
N SER C 95 6.63 -0.33 -14.49
CA SER C 95 7.72 -0.90 -15.26
C SER C 95 8.57 0.19 -15.86
N GLU C 96 9.86 -0.12 -16.06
CA GLU C 96 10.79 0.84 -16.61
C GLU C 96 11.49 0.24 -17.85
N ASP C 97 11.43 0.99 -18.97
CA ASP C 97 11.97 0.54 -20.24
C ASP C 97 13.21 1.34 -20.68
N GLY C 98 13.63 2.28 -19.85
CA GLY C 98 14.72 3.19 -20.18
C GLY C 98 15.64 3.51 -19.01
N THR C 99 16.02 4.79 -18.93
CA THR C 99 17.04 5.24 -17.97
C THR C 99 16.52 6.25 -16.95
N ASP C 100 15.33 6.82 -17.18
CA ASP C 100 14.85 7.92 -16.32
C ASP C 100 14.23 7.45 -14.99
N ASN C 101 13.95 6.16 -14.90
CA ASN C 101 13.40 5.53 -13.70
C ASN C 101 12.11 6.21 -13.19
N ASP C 102 11.23 6.58 -14.12
CA ASP C 102 9.89 7.00 -13.68
C ASP C 102 8.96 5.76 -13.43
N TYR C 103 9.35 4.58 -13.91
CA TYR C 103 8.60 3.32 -13.65
C TYR C 103 7.12 3.33 -14.03
N ASN C 104 6.76 4.24 -14.95
CA ASN C 104 5.37 4.39 -15.41
C ASN C 104 5.18 3.95 -16.88
N ASP C 105 6.24 3.43 -17.51
CA ASP C 105 6.21 3.22 -18.97
C ASP C 105 5.08 2.30 -19.43
N ALA C 106 4.87 1.22 -18.68
CA ALA C 106 3.56 0.54 -18.64
C ALA C 106 3.18 0.36 -17.19
N VAL C 107 1.95 0.77 -16.86
CA VAL C 107 1.44 0.60 -15.51
C VAL C 107 0.26 -0.34 -15.60
N VAL C 108 0.23 -1.36 -14.73
CA VAL C 108 -0.87 -2.31 -14.77
C VAL C 108 -1.55 -2.38 -13.41
N VAL C 109 -2.89 -2.29 -13.42
CA VAL C 109 -3.67 -2.39 -12.18
C VAL C 109 -4.64 -3.55 -12.29
N ILE C 110 -4.57 -4.45 -11.30
CA ILE C 110 -5.48 -5.59 -11.20
C ILE C 110 -6.38 -5.32 -9.99
N ASN C 111 -7.70 -5.49 -10.15
CA ASN C 111 -8.61 -5.20 -9.07
C ASN C 111 -9.62 -6.31 -8.89
N TRP C 112 -9.92 -6.62 -7.62
CA TRP C 112 -11.01 -7.53 -7.31
C TRP C 112 -11.48 -7.22 -5.87
N PRO C 113 -12.71 -7.63 -5.49
CA PRO C 113 -13.65 -8.44 -6.28
C PRO C 113 -14.39 -7.59 -7.33
N LEU C 114 -15.02 -8.29 -8.26
CA LEU C 114 -15.88 -7.63 -9.24
C LEU C 114 -17.34 -7.92 -8.92
N GLY C 115 -18.23 -7.25 -9.67
CA GLY C 115 -19.68 -7.57 -9.58
C GLY C 115 -20.42 -6.63 -8.66
N ALA D 2 -12.53 8.40 9.43
CA ALA D 2 -11.52 9.34 8.85
C ALA D 2 -11.93 9.75 7.44
N THR D 3 -11.47 10.93 7.03
CA THR D 3 -11.68 11.43 5.67
C THR D 3 -11.03 10.47 4.69
N GLN D 4 -11.73 10.16 3.60
CA GLN D 4 -11.20 9.25 2.58
C GLN D 4 -11.40 9.89 1.23
N GLY D 5 -10.62 9.47 0.24
CA GLY D 5 -10.76 9.96 -1.12
C GLY D 5 -10.12 11.32 -1.35
N VAL D 6 -9.36 11.81 -0.37
CA VAL D 6 -8.66 13.09 -0.55
C VAL D 6 -7.16 12.83 -0.61
N PHE D 7 -6.51 13.41 -1.62
CA PHE D 7 -5.07 13.19 -1.82
C PHE D 7 -4.34 14.49 -2.07
N THR D 8 -3.12 14.59 -1.53
CA THR D 8 -2.22 15.68 -1.86
C THR D 8 -1.22 15.22 -2.91
N LEU D 9 -1.34 15.80 -4.09
CA LEU D 9 -0.39 15.56 -5.19
C LEU D 9 0.64 16.69 -5.27
N PRO D 10 1.79 16.42 -5.90
CA PRO D 10 2.74 17.50 -6.19
C PRO D 10 1.99 18.51 -7.07
N ALA D 11 2.26 19.81 -6.84
CA ALA D 11 1.60 20.88 -7.61
C ALA D 11 1.89 20.83 -9.10
N ASN D 12 0.95 21.32 -9.89
CA ASN D 12 1.14 21.50 -11.33
C ASN D 12 1.63 20.24 -12.06
N THR D 13 1.07 19.09 -11.65
CA THR D 13 1.50 17.78 -12.12
C THR D 13 0.34 17.05 -12.81
N ARG D 14 0.61 16.52 -14.00
CA ARG D 14 -0.42 15.72 -14.68
C ARG D 14 -0.62 14.38 -13.97
N PHE D 15 -1.88 13.95 -13.88
CA PHE D 15 -2.18 12.62 -13.32
C PHE D 15 -3.34 12.00 -14.09
N GLY D 16 -3.36 10.67 -14.10
CA GLY D 16 -4.45 9.95 -14.75
C GLY D 16 -5.50 9.60 -13.70
N VAL D 17 -6.78 9.65 -14.10
CA VAL D 17 -7.86 9.17 -13.24
C VAL D 17 -8.74 8.26 -14.06
N THR D 18 -9.04 7.09 -13.51
CA THR D 18 -9.78 6.05 -14.25
C THR D 18 -10.80 5.47 -13.27
N ALA D 19 -12.07 5.34 -13.72
CA ALA D 19 -13.13 4.84 -12.85
C ALA D 19 -13.75 3.59 -13.47
N PHE D 20 -13.96 2.59 -12.62
CA PHE D 20 -14.58 1.29 -13.00
C PHE D 20 -15.89 1.15 -12.25
N ALA D 21 -16.87 0.45 -12.84
CA ALA D 21 -18.15 0.23 -12.14
C ALA D 21 -18.39 -1.25 -11.90
N ASN D 22 -18.89 -1.57 -10.70
CA ASN D 22 -19.31 -2.92 -10.36
C ASN D 22 -20.57 -2.87 -9.48
N SER D 23 -21.68 -2.45 -10.07
CA SER D 23 -22.90 -2.20 -9.34
C SER D 23 -24.08 -2.19 -10.31
N SER D 24 -25.26 -2.57 -9.84
N SER D 24 -25.26 -2.55 -9.83
CA SER D 24 -26.46 -2.49 -10.68
CA SER D 24 -26.45 -2.49 -10.67
C SER D 24 -26.92 -1.04 -10.85
C SER D 24 -26.99 -1.06 -10.78
N ASN D 25 -26.50 -0.16 -9.93
CA ASN D 25 -26.86 1.27 -10.03
C ASN D 25 -25.85 2.00 -10.93
N THR D 26 -26.33 2.98 -11.70
CA THR D 26 -25.40 3.90 -12.35
C THR D 26 -24.65 4.70 -11.28
N GLN D 27 -23.33 4.77 -11.44
CA GLN D 27 -22.44 5.47 -10.51
C GLN D 27 -22.14 6.88 -11.03
N THR D 28 -22.11 7.86 -10.14
CA THR D 28 -21.70 9.21 -10.48
C THR D 28 -20.40 9.48 -9.75
N VAL D 29 -19.33 9.71 -10.50
CA VAL D 29 -18.01 9.96 -9.91
C VAL D 29 -17.58 11.38 -10.23
N ASN D 30 -17.28 12.13 -9.18
N ASN D 30 -17.30 12.15 -9.18
CA ASN D 30 -16.80 13.49 -9.31
CA ASN D 30 -16.82 13.52 -9.35
C ASN D 30 -15.35 13.55 -8.87
C ASN D 30 -15.40 13.67 -8.84
N VAL D 31 -14.52 14.18 -9.69
CA VAL D 31 -13.12 14.42 -9.34
C VAL D 31 -12.96 15.91 -9.16
N LEU D 32 -12.63 16.32 -7.93
N LEU D 32 -12.62 16.33 -7.93
CA LEU D 32 -12.43 17.72 -7.61
CA LEU D 32 -12.45 17.74 -7.58
C LEU D 32 -10.93 18.01 -7.58
C LEU D 32 -10.98 18.09 -7.43
N VAL D 33 -10.57 19.18 -8.07
CA VAL D 33 -9.19 19.69 -7.92
C VAL D 33 -9.32 21.08 -7.31
N ASN D 34 -8.65 21.31 -6.19
CA ASN D 34 -8.80 22.54 -5.38
C ASN D 34 -10.29 22.83 -5.07
N ASN D 35 -11.00 21.79 -4.69
CA ASN D 35 -12.42 21.86 -4.28
C ASN D 35 -13.42 22.22 -5.37
N GLU D 36 -12.99 22.14 -6.63
CA GLU D 36 -13.84 22.44 -7.78
C GLU D 36 -13.85 21.29 -8.78
N THR D 37 -14.98 21.06 -9.43
CA THR D 37 -15.12 19.95 -10.36
C THR D 37 -14.10 20.05 -11.50
N ALA D 38 -13.34 18.98 -11.69
CA ALA D 38 -12.37 18.88 -12.77
C ALA D 38 -12.82 17.82 -13.79
N ALA D 39 -13.49 16.78 -13.28
CA ALA D 39 -14.04 15.70 -14.14
C ALA D 39 -15.25 15.04 -13.50
N THR D 40 -16.18 14.59 -14.34
CA THR D 40 -17.37 13.91 -13.84
C THR D 40 -17.61 12.71 -14.76
N PHE D 41 -17.74 11.52 -14.16
CA PHE D 41 -18.02 10.29 -14.90
C PHE D 41 -19.35 9.70 -14.47
N SER D 42 -20.03 9.05 -15.41
CA SER D 42 -21.31 8.41 -15.11
C SER D 42 -21.44 7.16 -15.95
N GLY D 43 -21.72 6.03 -15.31
CA GLY D 43 -21.90 4.78 -16.06
C GLY D 43 -22.31 3.65 -15.15
N GLN D 44 -22.67 2.54 -15.75
CA GLN D 44 -23.14 1.37 -15.01
C GLN D 44 -22.57 0.10 -15.62
N SER D 45 -22.12 -0.80 -14.74
CA SER D 45 -21.61 -2.12 -15.14
C SER D 45 -21.52 -2.97 -13.89
N THR D 46 -21.81 -4.27 -14.03
CA THR D 46 -21.48 -5.22 -12.96
C THR D 46 -20.29 -6.07 -13.38
N ASN D 47 -19.52 -5.57 -14.33
CA ASN D 47 -18.39 -6.32 -14.87
C ASN D 47 -17.16 -5.44 -15.11
N ASN D 48 -16.94 -4.48 -14.21
CA ASN D 48 -15.71 -3.70 -14.16
C ASN D 48 -15.47 -2.81 -15.39
N ALA D 49 -16.56 -2.44 -16.09
CA ALA D 49 -16.39 -1.57 -17.26
C ALA D 49 -15.77 -0.22 -16.83
N VAL D 50 -14.86 0.29 -17.65
CA VAL D 50 -14.34 1.63 -17.44
C VAL D 50 -15.41 2.65 -17.78
N ILE D 51 -15.87 3.40 -16.78
CA ILE D 51 -16.90 4.42 -17.01
C ILE D 51 -16.33 5.83 -17.19
N GLY D 52 -15.03 5.97 -16.99
CA GLY D 52 -14.37 7.24 -17.28
C GLY D 52 -12.86 7.14 -17.16
N THR D 53 -12.16 7.87 -18.01
CA THR D 53 -10.72 8.05 -17.86
C THR D 53 -10.27 9.37 -18.47
N GLN D 54 -9.41 10.09 -17.75
N GLN D 54 -9.41 10.09 -17.75
CA GLN D 54 -9.16 11.50 -18.04
CA GLN D 54 -9.16 11.50 -18.04
C GLN D 54 -7.82 11.93 -17.45
C GLN D 54 -7.82 11.93 -17.45
N VAL D 55 -7.04 12.66 -18.24
CA VAL D 55 -5.78 13.20 -17.74
C VAL D 55 -6.09 14.61 -17.20
N LEU D 56 -5.74 14.83 -15.94
CA LEU D 56 -5.99 16.09 -15.28
C LEU D 56 -4.68 16.68 -14.78
N ASN D 57 -4.73 17.94 -14.36
CA ASN D 57 -3.56 18.63 -13.78
C ASN D 57 -3.89 19.00 -12.34
N SER D 58 -2.97 18.67 -11.44
CA SER D 58 -3.20 18.91 -10.00
C SER D 58 -3.25 20.42 -9.65
N GLY D 59 -2.76 21.25 -10.56
CA GLY D 59 -2.84 22.71 -10.45
C GLY D 59 -2.08 23.26 -9.26
N SER D 60 -2.42 24.47 -8.85
CA SER D 60 -1.60 25.13 -7.83
C SER D 60 -1.78 24.56 -6.41
N SER D 61 -2.94 23.96 -6.12
CA SER D 61 -3.24 23.43 -4.76
C SER D 61 -2.67 22.04 -4.55
N GLY D 62 -2.62 21.25 -5.62
CA GLY D 62 -2.27 19.82 -5.46
C GLY D 62 -3.35 18.98 -4.77
N LYS D 63 -4.50 19.57 -4.42
CA LYS D 63 -5.54 18.83 -3.66
C LYS D 63 -6.50 18.16 -4.62
N VAL D 64 -6.58 16.83 -4.54
CA VAL D 64 -7.49 16.06 -5.39
C VAL D 64 -8.46 15.29 -4.51
N GLN D 65 -9.74 15.37 -4.83
CA GLN D 65 -10.74 14.66 -4.06
C GLN D 65 -11.67 13.89 -4.99
N VAL D 66 -11.91 12.64 -4.63
CA VAL D 66 -12.84 11.79 -5.35
C VAL D 66 -14.14 11.66 -4.56
N GLN D 67 -15.27 11.92 -5.22
CA GLN D 67 -16.58 11.68 -4.60
C GLN D 67 -17.35 10.68 -5.45
N VAL D 68 -18.13 9.82 -4.80
CA VAL D 68 -18.97 8.87 -5.54
C VAL D 68 -20.36 8.98 -4.94
N SER D 69 -21.36 9.01 -5.83
CA SER D 69 -22.76 9.03 -5.36
C SER D 69 -23.68 8.27 -6.31
N VAL D 70 -24.84 7.92 -5.80
CA VAL D 70 -25.93 7.28 -6.58
C VAL D 70 -27.17 8.10 -6.27
N ASN D 71 -27.79 8.68 -7.29
CA ASN D 71 -28.96 9.57 -7.11
C ASN D 71 -28.70 10.69 -6.09
N GLY D 72 -27.48 11.19 -6.11
CA GLY D 72 -27.10 12.28 -5.21
C GLY D 72 -26.66 11.84 -3.82
N ARG D 73 -26.94 10.59 -3.47
CA ARG D 73 -26.61 10.10 -2.13
C ARG D 73 -25.16 9.57 -2.13
N PRO D 74 -24.30 10.16 -1.27
CA PRO D 74 -22.87 9.78 -1.21
C PRO D 74 -22.66 8.32 -0.81
N SER D 75 -21.81 7.66 -1.57
CA SER D 75 -21.37 6.31 -1.20
C SER D 75 -20.31 6.42 -0.10
N ASP D 76 -20.19 5.37 0.72
CA ASP D 76 -19.11 5.29 1.71
C ASP D 76 -17.81 4.99 1.01
N LEU D 77 -16.77 5.77 1.29
CA LEU D 77 -15.48 5.62 0.58
C LEU D 77 -14.39 4.95 1.45
N VAL D 78 -13.50 4.22 0.78
CA VAL D 78 -12.22 3.79 1.37
C VAL D 78 -11.09 4.16 0.41
N SER D 79 -9.94 4.55 0.95
CA SER D 79 -8.85 5.01 0.09
C SER D 79 -7.49 4.83 0.76
N ALA D 80 -6.44 4.81 -0.07
CA ALA D 80 -5.03 4.85 0.37
C ALA D 80 -4.16 5.26 -0.80
N GLN D 81 -2.94 5.71 -0.48
CA GLN D 81 -1.94 6.00 -1.50
C GLN D 81 -0.77 5.06 -1.29
N VAL D 82 -0.26 4.52 -2.39
N VAL D 82 -0.22 4.56 -2.39
CA VAL D 82 0.92 3.65 -2.37
CA VAL D 82 0.93 3.67 -2.32
C VAL D 82 1.97 4.24 -3.30
C VAL D 82 1.98 4.13 -3.33
N ILE D 83 3.25 4.13 -2.90
CA ILE D 83 4.35 4.59 -3.73
C ILE D 83 5.35 3.43 -3.87
N LEU D 84 5.65 3.09 -5.14
CA LEU D 84 6.59 2.02 -5.48
C LEU D 84 7.93 2.63 -5.95
N THR D 85 9.03 2.00 -5.51
CA THR D 85 10.40 2.43 -5.79
C THR D 85 10.60 3.93 -5.62
N ASN D 86 9.90 4.52 -4.64
CA ASN D 86 10.02 5.95 -4.31
C ASN D 86 9.72 6.90 -5.47
N GLU D 87 8.94 6.42 -6.45
N GLU D 87 8.93 6.45 -6.44
CA GLU D 87 8.75 7.16 -7.71
CA GLU D 87 8.66 7.26 -7.62
C GLU D 87 7.32 7.10 -8.23
C GLU D 87 7.23 7.13 -8.13
N LEU D 88 6.73 5.90 -8.17
CA LEU D 88 5.46 5.63 -8.85
C LEU D 88 4.31 5.67 -7.85
N ASN D 89 3.34 6.55 -8.10
CA ASN D 89 2.26 6.83 -7.16
C ASN D 89 0.92 6.31 -7.63
N PHE D 90 0.22 5.66 -6.71
CA PHE D 90 -1.19 5.26 -6.94
C PHE D 90 -2.03 5.82 -5.81
N ALA D 91 -3.10 6.51 -6.16
CA ALA D 91 -4.12 6.92 -5.17
C ALA D 91 -5.37 6.11 -5.49
N LEU D 92 -5.82 5.32 -4.52
CA LEU D 92 -6.81 4.28 -4.79
C LEU D 92 -8.07 4.58 -3.99
N VAL D 93 -9.23 4.36 -4.62
CA VAL D 93 -10.52 4.61 -3.96
C VAL D 93 -11.50 3.46 -4.27
N GLY D 94 -12.16 2.97 -3.23
CA GLY D 94 -13.34 2.13 -3.42
C GLY D 94 -14.55 2.82 -2.82
N SER D 95 -15.73 2.33 -3.18
CA SER D 95 -16.96 2.92 -2.67
C SER D 95 -18.03 1.85 -2.53
N GLU D 96 -18.91 2.07 -1.55
CA GLU D 96 -20.03 1.15 -1.29
C GLU D 96 -21.35 1.91 -1.36
N ASP D 97 -22.25 1.44 -2.23
CA ASP D 97 -23.54 2.09 -2.45
C ASP D 97 -24.72 1.32 -1.87
N GLY D 98 -24.42 0.23 -1.18
CA GLY D 98 -25.45 -0.71 -0.75
C GLY D 98 -25.11 -1.35 0.59
N THR D 99 -25.41 -2.64 0.67
CA THR D 99 -25.33 -3.38 1.92
C THR D 99 -24.28 -4.49 1.96
N ASP D 100 -23.78 -4.90 0.79
CA ASP D 100 -22.93 -6.12 0.74
C ASP D 100 -21.45 -5.87 1.09
N ASN D 101 -21.08 -4.59 1.20
CA ASN D 101 -19.74 -4.16 1.61
C ASN D 101 -18.61 -4.75 0.76
N ASP D 102 -18.84 -4.86 -0.54
CA ASP D 102 -17.75 -5.21 -1.45
C ASP D 102 -16.86 -3.99 -1.80
N TYR D 103 -17.37 -2.77 -1.56
CA TYR D 103 -16.56 -1.55 -1.77
C TYR D 103 -15.96 -1.37 -3.17
N ASN D 104 -16.61 -1.97 -4.17
CA ASN D 104 -16.12 -1.96 -5.55
C ASN D 104 -17.13 -1.28 -6.48
N ASP D 105 -18.17 -0.67 -5.90
CA ASP D 105 -19.33 -0.23 -6.72
C ASP D 105 -18.92 0.79 -7.75
N ALA D 106 -18.09 1.72 -7.29
CA ALA D 106 -17.22 2.48 -8.19
C ALA D 106 -15.81 2.41 -7.63
N VAL D 107 -14.86 2.01 -8.46
CA VAL D 107 -13.45 1.95 -8.06
C VAL D 107 -12.71 3.02 -8.87
N VAL D 108 -11.88 3.82 -8.20
CA VAL D 108 -11.19 4.91 -8.89
C VAL D 108 -9.68 4.77 -8.65
N VAL D 109 -8.92 4.82 -9.74
CA VAL D 109 -7.45 4.72 -9.66
C VAL D 109 -6.86 6.03 -10.22
N ILE D 110 -6.04 6.69 -9.41
CA ILE D 110 -5.34 7.89 -9.81
C ILE D 110 -3.86 7.51 -9.84
N ASN D 111 -3.19 7.84 -10.94
CA ASN D 111 -1.78 7.48 -11.10
C ASN D 111 -0.93 8.65 -11.59
N TRP D 112 0.28 8.77 -11.02
CA TRP D 112 1.26 9.74 -11.49
C TRP D 112 2.65 9.24 -11.10
N PRO D 113 3.72 9.74 -11.74
CA PRO D 113 3.70 10.71 -12.85
C PRO D 113 3.25 10.07 -14.17
N LEU D 114 2.90 10.91 -15.12
CA LEU D 114 2.62 10.46 -16.47
C LEU D 114 3.79 10.80 -17.40
N GLY D 115 3.66 10.38 -18.65
CA GLY D 115 4.58 10.80 -19.69
C GLY D 115 5.78 9.88 -19.83
#